data_1XNG
#
_entry.id   1XNG
#
_cell.length_a   63.403
_cell.length_b   63.403
_cell.length_c   125.688
_cell.angle_alpha   90.00
_cell.angle_beta   90.00
_cell.angle_gamma   120.00
#
_symmetry.space_group_name_H-M   'P 31'
#
loop_
_entity.id
_entity.type
_entity.pdbx_description
1 polymer 'NH(3)-dependent NAD(+) synthetase'
2 non-polymer 'MAGNESIUM ION'
3 non-polymer 'NICOTINIC ACID ADENINE DINUCLEOTIDE'
4 non-polymer "ADENOSINE-5'-TRIPHOSPHATE"
5 water water
#
_entity_poly.entity_id   1
_entity_poly.type   'polypeptide(L)'
_entity_poly.pdbx_seq_one_letter_code
;MQKDYQKLIVYLCDFLEKEVQKRGFKKVVYGLSGGLDSAVVGVLCQKVFKENAHALLMPSSVSMPENKTDALNLCEKFSI
PYTEYSIAPYDAIFSSHFKDASLTRKGNFCARLRMAFLYDYSLKSDSLVIGTSNKSERMLGYGTLFGDLACAINPIGELF
KTEVYELARRLNIPKKILNKPPSADLFVGQSDEKDLGYPYSVIDPLLKDIEALFQTKPIDTETLAQLGYDEILVKNITSR
IQKNAFKLELPAIAKRFNPELEHHHHHH
;
_entity_poly.pdbx_strand_id   A,B
#
# COMPACT_ATOMS: atom_id res chain seq x y z
N LYS A 3 -25.46 -25.02 3.09
CA LYS A 3 -26.09 -24.38 1.90
C LYS A 3 -26.67 -23.03 2.25
N ASP A 4 -26.33 -22.53 3.44
CA ASP A 4 -26.84 -21.24 3.89
C ASP A 4 -25.98 -20.08 3.42
N TYR A 5 -25.78 -19.99 2.10
CA TYR A 5 -24.99 -18.92 1.52
C TYR A 5 -25.76 -17.61 1.60
N GLN A 6 -27.07 -17.71 1.77
CA GLN A 6 -27.92 -16.53 1.88
C GLN A 6 -27.54 -15.86 3.19
N LYS A 7 -27.18 -16.68 4.17
CA LYS A 7 -26.77 -16.20 5.48
C LYS A 7 -25.45 -15.46 5.33
N LEU A 8 -24.57 -16.03 4.52
CA LEU A 8 -23.25 -15.46 4.26
C LEU A 8 -23.39 -14.15 3.52
N ILE A 9 -24.28 -14.13 2.52
CA ILE A 9 -24.47 -12.90 1.76
C ILE A 9 -24.92 -11.77 2.67
N VAL A 10 -25.86 -12.06 3.57
CA VAL A 10 -26.36 -11.04 4.49
C VAL A 10 -25.22 -10.55 5.38
N TYR A 11 -24.42 -11.50 5.85
CA TYR A 11 -23.28 -11.18 6.71
C TYR A 11 -22.30 -10.24 6.02
N LEU A 12 -21.91 -10.57 4.79
CA LEU A 12 -20.96 -9.74 4.05
C LEU A 12 -21.53 -8.37 3.69
N CYS A 13 -22.82 -8.31 3.37
CA CYS A 13 -23.43 -7.04 3.02
C CYS A 13 -23.45 -6.16 4.27
N ASP A 14 -23.80 -6.75 5.39
CA ASP A 14 -23.84 -6.00 6.64
C ASP A 14 -22.44 -5.46 6.96
N PHE A 15 -21.42 -6.26 6.70
CA PHE A 15 -20.03 -5.88 6.95
C PHE A 15 -19.70 -4.63 6.14
N LEU A 16 -20.00 -4.68 4.84
CA LEU A 16 -19.75 -3.57 3.95
C LEU A 16 -20.49 -2.32 4.41
N GLU A 17 -21.75 -2.47 4.74
CA GLU A 17 -22.54 -1.33 5.18
C GLU A 17 -21.93 -0.70 6.43
N LYS A 18 -21.71 -1.53 7.45
CA LYS A 18 -21.14 -1.05 8.71
C LYS A 18 -19.76 -0.41 8.60
N GLU A 19 -18.84 -1.08 7.92
CA GLU A 19 -17.47 -0.55 7.78
C GLU A 19 -17.38 0.75 7.00
N VAL A 20 -18.22 0.90 5.98
CA VAL A 20 -18.21 2.13 5.20
C VAL A 20 -18.85 3.26 6.03
N GLN A 21 -19.94 2.94 6.73
CA GLN A 21 -20.64 3.92 7.55
C GLN A 21 -19.80 4.44 8.72
N LYS A 22 -19.20 3.52 9.47
CA LYS A 22 -18.39 3.88 10.63
C LYS A 22 -17.23 4.81 10.27
N ARG A 23 -16.84 4.79 9.00
CA ARG A 23 -15.75 5.64 8.54
C ARG A 23 -16.25 6.98 8.04
N GLY A 24 -17.57 7.17 8.04
CA GLY A 24 -18.13 8.43 7.59
C GLY A 24 -18.35 8.54 6.10
N PHE A 25 -18.38 7.40 5.42
CA PHE A 25 -18.61 7.40 3.97
C PHE A 25 -19.93 6.77 3.60
N LYS A 26 -20.34 6.99 2.37
CA LYS A 26 -21.59 6.44 1.84
C LYS A 26 -21.43 6.02 0.38
N LYS A 27 -20.20 6.05 -0.12
CA LYS A 27 -19.93 5.65 -1.50
C LYS A 27 -18.66 4.82 -1.57
N VAL A 28 -18.62 3.89 -2.53
CA VAL A 28 -17.46 3.04 -2.70
C VAL A 28 -17.10 2.87 -4.17
N VAL A 29 -15.85 2.51 -4.41
CA VAL A 29 -15.33 2.27 -5.75
C VAL A 29 -14.41 1.03 -5.67
N TYR A 30 -14.31 0.30 -6.78
CA TYR A 30 -13.47 -0.89 -6.81
C TYR A 30 -13.10 -1.14 -8.26
N GLY A 31 -12.04 -1.91 -8.48
CA GLY A 31 -11.63 -2.23 -9.83
C GLY A 31 -12.37 -3.47 -10.31
N LEU A 32 -12.99 -3.39 -11.49
CA LEU A 32 -13.74 -4.50 -12.06
C LEU A 32 -12.98 -4.97 -13.30
N SER A 33 -12.42 -6.18 -13.20
CA SER A 33 -11.58 -6.76 -14.24
C SER A 33 -12.23 -7.72 -15.23
N GLY A 34 -13.38 -8.25 -14.86
CA GLY A 34 -14.06 -9.20 -15.69
C GLY A 34 -13.88 -10.59 -15.08
N GLY A 35 -13.09 -10.64 -14.01
CA GLY A 35 -12.83 -11.89 -13.32
C GLY A 35 -13.83 -12.19 -12.22
N LEU A 36 -13.71 -13.35 -11.59
CA LEU A 36 -14.64 -13.77 -10.55
C LEU A 36 -14.67 -12.92 -9.29
N ASP A 37 -13.50 -12.74 -8.68
CA ASP A 37 -13.43 -12.00 -7.43
C ASP A 37 -14.02 -10.60 -7.47
N SER A 38 -13.63 -9.78 -8.44
CA SER A 38 -14.16 -8.43 -8.51
C SER A 38 -15.65 -8.43 -8.87
N ALA A 39 -16.12 -9.47 -9.57
CA ALA A 39 -17.53 -9.54 -9.91
C ALA A 39 -18.33 -9.77 -8.63
N VAL A 40 -17.84 -10.65 -7.78
CA VAL A 40 -18.51 -10.93 -6.52
C VAL A 40 -18.55 -9.67 -5.67
N VAL A 41 -17.42 -8.97 -5.57
CA VAL A 41 -17.38 -7.75 -4.77
C VAL A 41 -18.31 -6.69 -5.37
N GLY A 42 -18.34 -6.61 -6.70
CA GLY A 42 -19.20 -5.64 -7.35
C GLY A 42 -20.67 -5.87 -7.08
N VAL A 43 -21.10 -7.13 -7.18
CA VAL A 43 -22.50 -7.48 -6.93
C VAL A 43 -22.88 -7.23 -5.48
N LEU A 44 -21.98 -7.57 -4.55
CA LEU A 44 -22.27 -7.34 -3.14
C LEU A 44 -22.42 -5.85 -2.85
N CYS A 45 -21.55 -5.02 -3.42
CA CYS A 45 -21.61 -3.58 -3.17
C CYS A 45 -22.85 -2.96 -3.80
N GLN A 46 -23.30 -3.53 -4.91
CA GLN A 46 -24.49 -3.02 -5.60
C GLN A 46 -25.71 -3.26 -4.72
N LYS A 47 -25.75 -4.41 -4.05
CA LYS A 47 -26.87 -4.71 -3.18
C LYS A 47 -26.94 -3.76 -1.99
N VAL A 48 -25.78 -3.32 -1.52
CA VAL A 48 -25.70 -2.43 -0.36
C VAL A 48 -25.76 -0.92 -0.68
N PHE A 49 -25.00 -0.49 -1.67
CA PHE A 49 -24.97 0.93 -1.99
C PHE A 49 -25.68 1.35 -3.27
N LYS A 50 -26.20 0.38 -4.01
CA LYS A 50 -26.90 0.65 -5.26
C LYS A 50 -26.05 1.53 -6.17
N GLU A 51 -26.57 2.67 -6.60
CA GLU A 51 -25.85 3.58 -7.47
C GLU A 51 -24.64 4.24 -6.82
N ASN A 52 -24.51 4.09 -5.50
CA ASN A 52 -23.39 4.68 -4.78
C ASN A 52 -22.15 3.79 -4.79
N ALA A 53 -22.24 2.63 -5.45
CA ALA A 53 -21.10 1.73 -5.57
C ALA A 53 -20.69 1.86 -7.04
N HIS A 54 -19.44 2.19 -7.27
CA HIS A 54 -18.95 2.42 -8.63
C HIS A 54 -17.83 1.49 -9.09
N ALA A 55 -17.99 0.94 -10.30
CA ALA A 55 -16.97 0.04 -10.85
C ALA A 55 -16.04 0.81 -11.77
N LEU A 56 -14.73 0.57 -11.60
CA LEU A 56 -13.73 1.23 -12.42
C LEU A 56 -13.01 0.17 -13.25
N LEU A 57 -13.14 0.26 -14.57
CA LEU A 57 -12.49 -0.68 -15.48
C LEU A 57 -11.23 0.01 -16.03
N MET A 58 -10.08 -0.63 -15.83
CA MET A 58 -8.80 -0.08 -16.24
C MET A 58 -7.95 -1.03 -17.06
N PRO A 59 -8.35 -1.25 -18.33
CA PRO A 59 -7.55 -2.17 -19.17
C PRO A 59 -6.17 -1.59 -19.46
N SER A 60 -5.21 -2.50 -19.66
CA SER A 60 -3.83 -2.12 -19.95
C SER A 60 -3.58 -2.43 -21.42
N SER A 61 -2.31 -2.41 -21.82
CA SER A 61 -1.95 -2.71 -23.20
C SER A 61 -2.02 -4.20 -23.46
N VAL A 62 -1.98 -5.01 -22.40
CA VAL A 62 -2.03 -6.46 -22.56
C VAL A 62 -3.30 -7.09 -22.01
N SER A 63 -4.16 -6.31 -21.36
CA SER A 63 -5.40 -6.83 -20.81
C SER A 63 -6.19 -7.48 -21.93
N MET A 64 -6.69 -8.70 -21.69
CA MET A 64 -7.45 -9.40 -22.71
C MET A 64 -8.83 -8.77 -22.94
N PRO A 65 -9.14 -8.46 -24.21
CA PRO A 65 -10.40 -7.84 -24.63
C PRO A 65 -11.67 -8.46 -24.03
N GLU A 66 -11.77 -9.78 -24.10
CA GLU A 66 -12.94 -10.50 -23.58
C GLU A 66 -13.26 -10.13 -22.14
N ASN A 67 -12.22 -10.03 -21.32
CA ASN A 67 -12.38 -9.68 -19.92
C ASN A 67 -13.13 -8.36 -19.73
N LYS A 68 -12.77 -7.35 -20.51
CA LYS A 68 -13.41 -6.04 -20.41
C LYS A 68 -14.88 -6.09 -20.81
N THR A 69 -15.18 -6.82 -21.88
CA THR A 69 -16.57 -6.90 -22.32
C THR A 69 -17.40 -7.66 -21.29
N ASP A 70 -16.80 -8.68 -20.68
CA ASP A 70 -17.51 -9.44 -19.66
C ASP A 70 -17.79 -8.51 -18.47
N ALA A 71 -16.84 -7.62 -18.20
CA ALA A 71 -17.01 -6.67 -17.10
C ALA A 71 -18.16 -5.71 -17.41
N LEU A 72 -18.19 -5.19 -18.63
CA LEU A 72 -19.26 -4.27 -19.02
C LEU A 72 -20.61 -4.96 -18.96
N ASN A 73 -20.66 -6.22 -19.40
CA ASN A 73 -21.91 -6.98 -19.38
C ASN A 73 -22.41 -7.18 -17.96
N LEU A 74 -21.49 -7.34 -17.03
CA LEU A 74 -21.87 -7.50 -15.63
C LEU A 74 -22.55 -6.23 -15.11
N CYS A 75 -21.96 -5.08 -15.42
CA CYS A 75 -22.51 -3.81 -14.97
C CYS A 75 -23.91 -3.57 -15.51
N GLU A 76 -24.12 -3.92 -16.77
CA GLU A 76 -25.42 -3.71 -17.37
C GLU A 76 -26.46 -4.65 -16.75
N LYS A 77 -26.01 -5.86 -16.43
CA LYS A 77 -26.90 -6.86 -15.84
C LYS A 77 -27.32 -6.51 -14.41
N PHE A 78 -26.38 -5.97 -13.64
CA PHE A 78 -26.65 -5.60 -12.25
C PHE A 78 -26.83 -4.10 -12.00
N SER A 79 -26.97 -3.34 -13.07
CA SER A 79 -27.17 -1.88 -12.97
C SER A 79 -26.05 -1.23 -12.16
N ILE A 80 -24.82 -1.58 -12.47
CA ILE A 80 -23.68 -1.02 -11.77
C ILE A 80 -23.07 0.15 -12.52
N PRO A 81 -23.08 1.35 -11.91
CA PRO A 81 -22.52 2.52 -12.58
C PRO A 81 -21.03 2.23 -12.75
N TYR A 82 -20.47 2.62 -13.89
CA TYR A 82 -19.07 2.35 -14.14
C TYR A 82 -18.37 3.43 -14.95
N THR A 83 -17.03 3.34 -14.99
CA THR A 83 -16.19 4.27 -15.74
C THR A 83 -15.03 3.48 -16.30
N GLU A 84 -14.74 3.67 -17.59
CA GLU A 84 -13.64 2.97 -18.21
C GLU A 84 -12.48 3.95 -18.34
N TYR A 85 -11.31 3.56 -17.82
CA TYR A 85 -10.13 4.41 -17.89
C TYR A 85 -8.91 3.56 -18.22
N SER A 86 -8.38 3.73 -19.42
CA SER A 86 -7.22 2.97 -19.83
C SER A 86 -5.91 3.42 -19.21
N ILE A 87 -5.10 2.46 -18.80
CA ILE A 87 -3.80 2.77 -18.22
C ILE A 87 -2.71 2.42 -19.24
N ALA A 88 -3.14 2.08 -20.46
CA ALA A 88 -2.21 1.72 -21.52
C ALA A 88 -1.18 2.83 -21.80
N PRO A 89 -1.63 4.10 -21.84
CA PRO A 89 -0.65 5.16 -22.10
C PRO A 89 0.48 5.17 -21.07
N TYR A 90 0.19 4.70 -19.87
CA TYR A 90 1.20 4.66 -18.82
C TYR A 90 2.09 3.42 -18.92
N ASP A 91 1.52 2.25 -19.18
CA ASP A 91 2.36 1.06 -19.26
C ASP A 91 3.19 1.09 -20.55
N ALA A 92 2.74 1.90 -21.51
CA ALA A 92 3.45 2.05 -22.77
C ALA A 92 4.80 2.71 -22.52
N ILE A 93 4.81 3.70 -21.62
CA ILE A 93 6.05 4.39 -21.29
C ILE A 93 6.97 3.44 -20.55
N PHE A 94 6.40 2.68 -19.61
CA PHE A 94 7.18 1.72 -18.83
C PHE A 94 7.84 0.69 -19.73
N SER A 95 7.11 0.21 -20.73
CA SER A 95 7.63 -0.79 -21.66
C SER A 95 8.74 -0.23 -22.54
N SER A 96 8.66 1.05 -22.86
CA SER A 96 9.67 1.68 -23.69
C SER A 96 10.95 1.95 -22.90
N HIS A 97 10.81 2.20 -21.60
CA HIS A 97 11.95 2.46 -20.74
C HIS A 97 12.59 1.18 -20.20
N PHE A 98 11.78 0.13 -20.05
CA PHE A 98 12.28 -1.15 -19.55
C PHE A 98 11.78 -2.30 -20.43
N LYS A 99 12.38 -2.42 -21.61
CA LYS A 99 11.99 -3.48 -22.54
C LYS A 99 12.20 -4.89 -22.02
N ASP A 100 13.37 -5.15 -21.44
CA ASP A 100 13.68 -6.48 -20.94
C ASP A 100 13.09 -6.76 -19.56
N ALA A 101 12.22 -5.87 -19.08
CA ALA A 101 11.61 -6.06 -17.78
C ALA A 101 10.79 -7.34 -17.77
N SER A 102 10.91 -8.11 -16.69
CA SER A 102 10.19 -9.36 -16.55
C SER A 102 8.68 -9.13 -16.60
N LEU A 103 7.92 -10.18 -16.89
CA LEU A 103 6.47 -10.08 -16.94
C LEU A 103 5.97 -9.64 -15.57
N THR A 104 6.60 -10.15 -14.52
CA THR A 104 6.21 -9.83 -13.15
C THR A 104 6.38 -8.35 -12.85
N ARG A 105 7.50 -7.76 -13.27
CA ARG A 105 7.74 -6.35 -13.04
C ARG A 105 6.70 -5.52 -13.79
N LYS A 106 6.43 -5.89 -15.04
CA LYS A 106 5.44 -5.18 -15.85
C LYS A 106 4.05 -5.26 -15.23
N GLY A 107 3.69 -6.44 -14.75
CA GLY A 107 2.38 -6.64 -14.15
C GLY A 107 2.25 -5.88 -12.84
N ASN A 108 3.30 -5.88 -12.03
CA ASN A 108 3.25 -5.18 -10.75
C ASN A 108 3.08 -3.69 -10.97
N PHE A 109 3.70 -3.15 -12.01
CA PHE A 109 3.56 -1.72 -12.27
C PHE A 109 2.11 -1.41 -12.63
N CYS A 110 1.50 -2.27 -13.45
CA CYS A 110 0.11 -2.07 -13.82
C CYS A 110 -0.82 -2.16 -12.63
N ALA A 111 -0.57 -3.12 -11.74
CA ALA A 111 -1.42 -3.30 -10.56
C ALA A 111 -1.35 -2.06 -9.67
N ARG A 112 -0.16 -1.46 -9.60
CA ARG A 112 0.01 -0.27 -8.79
C ARG A 112 -0.62 0.94 -9.47
N LEU A 113 -0.58 0.96 -10.80
CA LEU A 113 -1.22 2.06 -11.52
C LEU A 113 -2.71 1.97 -11.22
N ARG A 114 -3.24 0.74 -11.12
CA ARG A 114 -4.65 0.59 -10.82
C ARG A 114 -4.96 1.05 -9.40
N MET A 115 -4.05 0.78 -8.48
CA MET A 115 -4.21 1.21 -7.09
C MET A 115 -4.32 2.74 -7.10
N ALA A 116 -3.37 3.38 -7.78
CA ALA A 116 -3.33 4.83 -7.86
C ALA A 116 -4.60 5.48 -8.43
N PHE A 117 -5.16 4.91 -9.49
CA PHE A 117 -6.36 5.51 -10.04
C PHE A 117 -7.59 5.20 -9.22
N LEU A 118 -7.61 4.05 -8.53
CA LEU A 118 -8.75 3.76 -7.68
C LEU A 118 -8.74 4.75 -6.52
N TYR A 119 -7.57 5.01 -5.96
CA TYR A 119 -7.48 5.95 -4.85
C TYR A 119 -7.74 7.37 -5.32
N ASP A 120 -7.32 7.69 -6.54
CA ASP A 120 -7.56 9.01 -7.09
C ASP A 120 -9.06 9.20 -7.27
N TYR A 121 -9.71 8.19 -7.84
CA TYR A 121 -11.15 8.26 -8.05
C TYR A 121 -11.86 8.41 -6.71
N SER A 122 -11.39 7.67 -5.71
CA SER A 122 -12.03 7.72 -4.40
C SER A 122 -11.97 9.09 -3.75
N LEU A 123 -10.83 9.77 -3.86
CA LEU A 123 -10.70 11.08 -3.24
C LEU A 123 -11.60 12.12 -3.94
N LYS A 124 -11.58 12.11 -5.27
CA LYS A 124 -12.38 13.06 -6.04
C LYS A 124 -13.89 12.85 -5.93
N SER A 125 -14.31 11.64 -5.55
CA SER A 125 -15.73 11.33 -5.42
C SER A 125 -16.15 11.05 -3.99
N ASP A 126 -15.24 11.23 -3.05
CA ASP A 126 -15.53 10.98 -1.65
C ASP A 126 -16.00 9.55 -1.42
N SER A 127 -15.22 8.59 -1.93
CA SER A 127 -15.56 7.18 -1.77
C SER A 127 -14.42 6.40 -1.12
N LEU A 128 -14.70 5.16 -0.75
CA LEU A 128 -13.69 4.27 -0.20
C LEU A 128 -13.44 3.17 -1.21
N VAL A 129 -12.19 2.70 -1.29
CA VAL A 129 -11.81 1.64 -2.21
C VAL A 129 -12.02 0.29 -1.55
N ILE A 130 -12.78 -0.58 -2.20
CA ILE A 130 -13.08 -1.92 -1.70
C ILE A 130 -12.16 -2.91 -2.43
N GLY A 131 -11.46 -3.72 -1.65
CA GLY A 131 -10.54 -4.70 -2.20
C GLY A 131 -11.23 -5.99 -2.62
N THR A 132 -10.49 -6.82 -3.36
CA THR A 132 -11.06 -8.06 -3.87
C THR A 132 -10.15 -9.27 -3.69
N SER A 133 -9.05 -9.11 -2.97
CA SER A 133 -8.13 -10.23 -2.78
C SER A 133 -8.78 -11.32 -1.93
N ASN A 134 -8.74 -12.57 -2.39
CA ASN A 134 -9.32 -13.66 -1.61
C ASN A 134 -8.26 -14.28 -0.69
N LYS A 135 -8.70 -15.14 0.23
CA LYS A 135 -7.80 -15.76 1.19
C LYS A 135 -6.70 -16.61 0.58
N SER A 136 -6.98 -17.27 -0.54
CA SER A 136 -5.96 -18.09 -1.18
C SER A 136 -4.82 -17.22 -1.67
N GLU A 137 -5.15 -16.12 -2.36
CA GLU A 137 -4.13 -15.19 -2.85
C GLU A 137 -3.38 -14.53 -1.69
N ARG A 138 -4.12 -14.13 -0.66
CA ARG A 138 -3.48 -13.48 0.49
C ARG A 138 -2.47 -14.42 1.17
N MET A 139 -2.85 -15.67 1.39
CA MET A 139 -1.93 -16.62 2.02
C MET A 139 -0.69 -16.87 1.16
N LEU A 140 -0.91 -17.08 -0.13
CA LEU A 140 0.18 -17.37 -1.06
C LEU A 140 0.98 -16.12 -1.44
N GLY A 141 0.44 -14.96 -1.12
CA GLY A 141 1.11 -13.72 -1.47
C GLY A 141 1.03 -13.51 -2.97
N TYR A 142 0.03 -14.13 -3.58
CA TYR A 142 -0.18 -14.02 -5.02
C TYR A 142 -0.96 -12.73 -5.28
N GLY A 143 -0.22 -11.64 -5.31
CA GLY A 143 -0.80 -10.33 -5.50
C GLY A 143 0.33 -9.33 -5.39
N THR A 144 0.12 -8.11 -5.87
CA THR A 144 1.15 -7.08 -5.82
C THR A 144 0.99 -6.23 -4.56
N LEU A 145 2.05 -6.15 -3.76
CA LEU A 145 1.99 -5.35 -2.54
C LEU A 145 1.82 -3.91 -2.99
N PHE A 146 0.84 -3.23 -2.38
CA PHE A 146 0.52 -1.83 -2.70
C PHE A 146 -0.09 -1.70 -4.09
N GLY A 147 -0.50 -2.84 -4.64
CA GLY A 147 -1.14 -2.88 -5.95
C GLY A 147 -2.57 -3.34 -5.73
N ASP A 148 -2.91 -4.55 -6.15
CA ASP A 148 -4.26 -5.05 -5.95
C ASP A 148 -4.54 -5.40 -4.49
N LEU A 149 -3.50 -5.52 -3.67
CA LEU A 149 -3.70 -5.82 -2.26
C LEU A 149 -4.07 -4.56 -1.45
N ALA A 150 -3.96 -3.40 -2.09
CA ALA A 150 -4.24 -2.10 -1.46
C ALA A 150 -5.72 -1.68 -1.47
N CYS A 151 -6.31 -1.47 -0.30
CA CYS A 151 -7.71 -1.05 -0.20
C CYS A 151 -8.01 -0.60 1.21
N ALA A 152 -9.22 -0.12 1.43
CA ALA A 152 -9.62 0.32 2.76
C ALA A 152 -10.36 -0.81 3.47
N ILE A 153 -11.19 -1.52 2.72
CA ILE A 153 -12.04 -2.60 3.22
C ILE A 153 -12.09 -3.75 2.20
N ASN A 154 -12.03 -4.99 2.66
CA ASN A 154 -12.09 -6.15 1.76
C ASN A 154 -13.06 -7.20 2.32
N PRO A 155 -14.24 -7.35 1.70
CA PRO A 155 -15.22 -8.32 2.20
C PRO A 155 -14.93 -9.81 2.02
N ILE A 156 -14.12 -10.17 1.03
CA ILE A 156 -13.83 -11.58 0.77
C ILE A 156 -12.41 -12.03 1.09
N GLY A 157 -11.70 -11.22 1.89
CA GLY A 157 -10.34 -11.54 2.26
C GLY A 157 -10.09 -12.80 3.05
N GLU A 158 -11.10 -13.29 3.75
CA GLU A 158 -10.96 -14.53 4.52
C GLU A 158 -11.65 -15.69 3.82
N LEU A 159 -12.13 -15.46 2.60
CA LEU A 159 -12.78 -16.52 1.84
C LEU A 159 -11.78 -17.14 0.87
N PHE A 160 -11.68 -18.48 0.90
CA PHE A 160 -10.79 -19.15 -0.03
C PHE A 160 -11.38 -19.04 -1.44
N LYS A 161 -10.51 -19.13 -2.44
CA LYS A 161 -10.94 -19.03 -3.83
C LYS A 161 -12.12 -19.93 -4.16
N THR A 162 -12.09 -21.16 -3.66
CA THR A 162 -13.17 -22.10 -3.91
C THR A 162 -14.48 -21.64 -3.30
N GLU A 163 -14.38 -20.92 -2.18
CA GLU A 163 -15.57 -20.43 -1.49
C GLU A 163 -16.12 -19.20 -2.20
N VAL A 164 -15.25 -18.39 -2.77
CA VAL A 164 -15.68 -17.21 -3.51
C VAL A 164 -16.48 -17.69 -4.72
N TYR A 165 -16.04 -18.80 -5.31
CA TYR A 165 -16.74 -19.37 -6.45
C TYR A 165 -18.13 -19.84 -6.02
N GLU A 166 -18.20 -20.57 -4.91
CA GLU A 166 -19.48 -21.05 -4.41
C GLU A 166 -20.41 -19.87 -4.12
N LEU A 167 -19.86 -18.81 -3.55
CA LEU A 167 -20.64 -17.61 -3.26
C LEU A 167 -21.11 -16.97 -4.55
N ALA A 168 -20.24 -16.95 -5.57
CA ALA A 168 -20.60 -16.36 -6.85
C ALA A 168 -21.83 -17.02 -7.46
N ARG A 169 -21.93 -18.35 -7.34
CA ARG A 169 -23.09 -19.06 -7.88
C ARG A 169 -24.38 -18.55 -7.26
N ARG A 170 -24.37 -18.35 -5.95
CA ARG A 170 -25.54 -17.88 -5.21
C ARG A 170 -25.90 -16.44 -5.56
N LEU A 171 -24.91 -15.68 -6.02
CA LEU A 171 -25.12 -14.28 -6.39
C LEU A 171 -25.54 -14.17 -7.85
N ASN A 172 -25.70 -15.31 -8.51
CA ASN A 172 -26.10 -15.34 -9.90
C ASN A 172 -25.08 -14.67 -10.82
N ILE A 173 -23.79 -14.85 -10.53
CA ILE A 173 -22.74 -14.28 -11.37
C ILE A 173 -22.82 -14.99 -12.71
N PRO A 174 -22.69 -14.24 -13.82
CA PRO A 174 -22.74 -14.81 -15.17
C PRO A 174 -21.88 -16.05 -15.35
N LYS A 175 -22.42 -17.07 -15.99
CA LYS A 175 -21.68 -18.31 -16.22
C LYS A 175 -20.37 -18.03 -16.95
N LYS A 176 -20.37 -16.99 -17.78
CA LYS A 176 -19.19 -16.59 -18.54
C LYS A 176 -18.04 -16.32 -17.58
N ILE A 177 -18.34 -15.67 -16.47
CA ILE A 177 -17.33 -15.32 -15.48
C ILE A 177 -17.05 -16.50 -14.55
N LEU A 178 -18.08 -17.28 -14.26
CA LEU A 178 -17.91 -18.46 -13.40
C LEU A 178 -17.02 -19.51 -14.03
N ASN A 179 -17.12 -19.68 -15.35
CA ASN A 179 -16.33 -20.69 -16.04
C ASN A 179 -14.97 -20.19 -16.49
N LYS A 180 -14.69 -18.91 -16.21
CA LYS A 180 -13.44 -18.31 -16.60
C LYS A 180 -12.32 -18.69 -15.64
N PRO A 181 -11.21 -19.21 -16.16
CA PRO A 181 -10.09 -19.60 -15.31
C PRO A 181 -9.41 -18.38 -14.70
N PRO A 182 -9.11 -18.43 -13.39
CA PRO A 182 -8.46 -17.31 -12.70
C PRO A 182 -7.20 -16.87 -13.41
N SER A 183 -7.02 -15.56 -13.54
CA SER A 183 -5.85 -15.00 -14.19
C SER A 183 -5.65 -13.54 -13.84
N ALA A 184 -4.47 -13.21 -13.33
CA ALA A 184 -4.15 -11.83 -12.96
C ALA A 184 -4.36 -10.95 -14.19
N ASP A 185 -4.20 -11.54 -15.37
CA ASP A 185 -4.36 -10.84 -16.64
C ASP A 185 -3.38 -9.67 -16.75
N LEU A 186 -2.16 -9.88 -16.26
CA LEU A 186 -1.11 -8.87 -16.30
C LEU A 186 -0.25 -9.04 -17.53
N PHE A 187 -0.52 -10.11 -18.27
CA PHE A 187 0.18 -10.41 -19.52
C PHE A 187 -0.58 -11.51 -20.25
N VAL A 188 -0.56 -11.46 -21.58
CA VAL A 188 -1.26 -12.43 -22.42
C VAL A 188 -0.92 -13.87 -22.09
N GLY A 189 -1.96 -14.67 -21.87
CA GLY A 189 -1.76 -16.08 -21.57
C GLY A 189 -1.60 -16.43 -20.10
N GLN A 190 -1.52 -15.41 -19.24
CA GLN A 190 -1.35 -15.65 -17.81
C GLN A 190 -2.54 -16.36 -17.19
N SER A 191 -2.26 -17.20 -16.20
CA SER A 191 -3.31 -17.93 -15.49
C SER A 191 -2.79 -18.35 -14.11
N ASP A 192 -3.67 -18.35 -13.12
CA ASP A 192 -3.30 -18.72 -11.77
C ASP A 192 -2.76 -20.15 -11.72
N GLU A 193 -3.38 -21.05 -12.47
CA GLU A 193 -2.95 -22.44 -12.46
C GLU A 193 -1.55 -22.63 -13.00
N LYS A 194 -1.19 -21.88 -14.02
CA LYS A 194 0.15 -21.98 -14.61
C LYS A 194 1.22 -21.40 -13.69
N ASP A 195 0.94 -20.22 -13.12
CA ASP A 195 1.89 -19.58 -12.23
C ASP A 195 2.06 -20.34 -10.91
N LEU A 196 0.95 -20.82 -10.36
CA LEU A 196 0.98 -21.55 -9.10
C LEU A 196 1.36 -23.00 -9.28
N GLY A 197 1.02 -23.55 -10.45
CA GLY A 197 1.32 -24.94 -10.74
C GLY A 197 0.21 -25.92 -10.42
N TYR A 198 -0.76 -25.48 -9.62
CA TYR A 198 -1.87 -26.34 -9.24
C TYR A 198 -3.18 -25.56 -9.26
N PRO A 199 -4.31 -26.26 -9.47
CA PRO A 199 -5.64 -25.62 -9.48
C PRO A 199 -6.09 -25.38 -8.04
N TYR A 200 -6.97 -24.40 -7.84
CA TYR A 200 -7.44 -24.10 -6.49
C TYR A 200 -8.19 -25.26 -5.84
N SER A 201 -8.59 -26.24 -6.65
CA SER A 201 -9.29 -27.41 -6.11
C SER A 201 -8.30 -28.28 -5.34
N VAL A 202 -7.01 -28.10 -5.62
CA VAL A 202 -5.95 -28.86 -4.97
C VAL A 202 -5.21 -28.01 -3.92
N ILE A 203 -5.09 -26.71 -4.21
CA ILE A 203 -4.40 -25.79 -3.30
C ILE A 203 -5.23 -25.45 -2.07
N ASP A 204 -6.50 -25.11 -2.28
CA ASP A 204 -7.37 -24.71 -1.19
C ASP A 204 -7.53 -25.68 -0.02
N PRO A 205 -7.64 -26.99 -0.30
CA PRO A 205 -7.78 -27.90 0.83
C PRO A 205 -6.55 -27.82 1.74
N LEU A 206 -5.37 -27.68 1.13
CA LEU A 206 -4.12 -27.57 1.88
C LEU A 206 -4.05 -26.23 2.60
N LEU A 207 -4.41 -25.16 1.92
CA LEU A 207 -4.39 -23.85 2.55
C LEU A 207 -5.34 -23.81 3.75
N LYS A 208 -6.47 -24.50 3.65
CA LYS A 208 -7.42 -24.50 4.76
C LYS A 208 -6.82 -25.17 6.00
N ASP A 209 -6.12 -26.28 5.82
CA ASP A 209 -5.49 -26.94 6.96
C ASP A 209 -4.35 -26.10 7.53
N ILE A 210 -3.63 -25.42 6.66
CA ILE A 210 -2.54 -24.55 7.12
C ILE A 210 -3.11 -23.39 7.92
N GLU A 211 -4.22 -22.82 7.46
CA GLU A 211 -4.81 -21.70 8.19
C GLU A 211 -5.35 -22.14 9.54
N ALA A 212 -5.87 -23.36 9.61
CA ALA A 212 -6.44 -23.87 10.86
C ALA A 212 -5.38 -24.32 11.85
N LEU A 213 -4.34 -24.95 11.34
CA LEU A 213 -3.26 -25.48 12.16
C LEU A 213 -2.15 -24.49 12.49
N PHE A 214 -1.75 -23.70 11.49
CA PHE A 214 -0.67 -22.75 11.67
C PHE A 214 -1.03 -21.33 11.24
N GLN A 215 -1.97 -20.71 11.93
CA GLN A 215 -2.37 -19.36 11.58
C GLN A 215 -1.40 -18.35 12.19
N THR A 216 -0.95 -18.63 13.40
CA THR A 216 -0.02 -17.73 14.10
C THR A 216 1.22 -18.48 14.57
N LYS A 217 1.50 -19.61 13.95
CA LYS A 217 2.66 -20.42 14.30
C LYS A 217 3.32 -20.94 13.03
N PRO A 218 4.59 -21.36 13.11
CA PRO A 218 5.31 -21.88 11.94
C PRO A 218 4.71 -23.16 11.37
N ILE A 219 4.72 -23.26 10.04
CA ILE A 219 4.16 -24.42 9.37
C ILE A 219 5.03 -25.67 9.59
N ASP A 220 4.39 -26.78 9.92
CA ASP A 220 5.07 -28.05 10.14
C ASP A 220 4.77 -28.95 8.94
N THR A 221 5.71 -28.99 8.00
CA THR A 221 5.54 -29.79 6.80
C THR A 221 5.34 -31.26 7.08
N GLU A 222 5.88 -31.73 8.19
CA GLU A 222 5.75 -33.14 8.56
C GLU A 222 4.31 -33.44 8.94
N THR A 223 3.68 -32.51 9.65
CA THR A 223 2.29 -32.68 10.06
C THR A 223 1.41 -32.72 8.82
N LEU A 224 1.69 -31.84 7.87
CA LEU A 224 0.92 -31.79 6.62
C LEU A 224 1.13 -33.07 5.83
N ALA A 225 2.33 -33.64 5.92
CA ALA A 225 2.66 -34.87 5.23
C ALA A 225 1.80 -36.01 5.76
N GLN A 226 1.58 -36.02 7.07
CA GLN A 226 0.78 -37.04 7.71
C GLN A 226 -0.68 -36.96 7.31
N LEU A 227 -1.12 -35.76 6.93
CA LEU A 227 -2.51 -35.57 6.52
C LEU A 227 -2.76 -36.16 5.14
N GLY A 228 -1.69 -36.60 4.48
CA GLY A 228 -1.83 -37.21 3.17
C GLY A 228 -1.55 -36.29 2.00
N TYR A 229 -0.91 -35.15 2.25
CA TYR A 229 -0.59 -34.21 1.18
C TYR A 229 0.73 -34.54 0.51
N ASP A 230 0.78 -34.35 -0.81
CA ASP A 230 1.97 -34.62 -1.60
C ASP A 230 3.15 -33.83 -1.06
N GLU A 231 4.30 -34.48 -0.95
CA GLU A 231 5.51 -33.86 -0.44
C GLU A 231 5.87 -32.60 -1.24
N ILE A 232 5.93 -32.75 -2.55
CA ILE A 232 6.26 -31.65 -3.45
C ILE A 232 5.27 -30.49 -3.31
N LEU A 233 3.99 -30.81 -3.24
CA LEU A 233 2.94 -29.80 -3.11
C LEU A 233 3.13 -28.97 -1.85
N VAL A 234 3.35 -29.65 -0.73
CA VAL A 234 3.55 -28.96 0.55
C VAL A 234 4.78 -28.05 0.52
N LYS A 235 5.88 -28.57 -0.02
CA LYS A 235 7.11 -27.81 -0.10
C LYS A 235 6.92 -26.55 -0.94
N ASN A 236 6.18 -26.68 -2.04
CA ASN A 236 5.93 -25.56 -2.92
C ASN A 236 5.01 -24.51 -2.30
N ILE A 237 3.88 -24.95 -1.76
CA ILE A 237 2.93 -24.04 -1.14
C ILE A 237 3.50 -23.40 0.13
N THR A 238 4.19 -24.19 0.95
CA THR A 238 4.78 -23.67 2.17
C THR A 238 5.81 -22.58 1.86
N SER A 239 6.63 -22.81 0.84
CA SER A 239 7.65 -21.86 0.43
C SER A 239 7.03 -20.53 0.01
N ARG A 240 5.95 -20.61 -0.76
CA ARG A 240 5.25 -19.41 -1.23
C ARG A 240 4.70 -18.62 -0.05
N ILE A 241 4.05 -19.31 0.88
CA ILE A 241 3.47 -18.66 2.05
C ILE A 241 4.51 -17.95 2.91
N GLN A 242 5.58 -18.66 3.26
CA GLN A 242 6.62 -18.08 4.11
C GLN A 242 7.37 -16.95 3.44
N LYS A 243 7.55 -17.06 2.13
CA LYS A 243 8.26 -16.04 1.37
C LYS A 243 7.48 -14.74 1.27
N ASN A 244 6.16 -14.84 1.28
CA ASN A 244 5.33 -13.65 1.14
C ASN A 244 4.55 -13.23 2.38
N ALA A 245 4.88 -13.79 3.54
CA ALA A 245 4.18 -13.44 4.77
C ALA A 245 4.21 -11.94 5.06
N PHE A 246 5.26 -11.28 4.60
CA PHE A 246 5.45 -9.84 4.81
C PHE A 246 4.36 -8.97 4.20
N LYS A 247 3.69 -9.46 3.16
CA LYS A 247 2.64 -8.66 2.51
C LYS A 247 1.39 -8.50 3.37
N LEU A 248 1.28 -9.33 4.41
CA LEU A 248 0.13 -9.29 5.30
C LEU A 248 0.47 -8.56 6.60
N GLU A 249 1.67 -7.97 6.63
CA GLU A 249 2.14 -7.27 7.80
C GLU A 249 2.48 -5.81 7.50
N LEU A 250 2.54 -5.00 8.56
CA LEU A 250 2.89 -3.60 8.43
C LEU A 250 4.41 -3.51 8.33
N PRO A 251 4.93 -2.42 7.77
CA PRO A 251 6.39 -2.28 7.65
C PRO A 251 7.04 -2.20 9.03
N ALA A 252 8.26 -2.70 9.13
CA ALA A 252 9.01 -2.70 10.38
C ALA A 252 9.48 -1.29 10.69
N ILE A 253 9.08 -0.77 11.86
CA ILE A 253 9.47 0.57 12.28
C ILE A 253 10.29 0.48 13.57
N ALA A 254 11.45 1.13 13.59
CA ALA A 254 12.30 1.10 14.78
C ALA A 254 11.55 1.70 15.96
N LYS A 255 11.50 0.97 17.07
CA LYS A 255 10.81 1.45 18.27
C LYS A 255 11.45 2.74 18.78
N ARG A 256 10.64 3.57 19.44
CA ARG A 256 11.15 4.83 19.95
C ARG A 256 12.30 4.58 20.93
N PHE A 257 13.45 5.18 20.63
CA PHE A 257 14.65 5.03 21.46
C PHE A 257 14.41 5.57 22.86
N LYS B 3 27.60 10.10 24.58
CA LYS B 3 26.49 10.85 24.02
C LYS B 3 25.30 9.93 23.72
N ASP B 4 24.10 10.51 23.65
CA ASP B 4 22.90 9.75 23.37
C ASP B 4 22.59 9.71 21.89
N TYR B 5 23.07 10.71 21.15
CA TYR B 5 22.83 10.74 19.72
C TYR B 5 23.67 9.68 19.03
N GLN B 6 24.83 9.38 19.61
CA GLN B 6 25.71 8.36 19.04
C GLN B 6 25.12 7.00 19.34
N LYS B 7 24.46 6.87 20.48
CA LYS B 7 23.82 5.63 20.87
C LYS B 7 22.61 5.45 19.96
N LEU B 8 22.01 6.57 19.58
CA LEU B 8 20.85 6.55 18.70
C LEU B 8 21.28 6.08 17.32
N ILE B 9 22.36 6.66 16.80
CA ILE B 9 22.87 6.27 15.50
C ILE B 9 23.21 4.78 15.47
N VAL B 10 23.87 4.30 16.52
CA VAL B 10 24.23 2.89 16.60
C VAL B 10 22.95 2.06 16.65
N TYR B 11 21.96 2.55 17.39
CA TYR B 11 20.68 1.87 17.52
C TYR B 11 19.99 1.75 16.17
N LEU B 12 19.91 2.85 15.43
CA LEU B 12 19.25 2.85 14.13
C LEU B 12 20.01 2.00 13.11
N CYS B 13 21.34 2.07 13.14
CA CYS B 13 22.15 1.28 12.22
C CYS B 13 21.95 -0.21 12.48
N ASP B 14 21.94 -0.61 13.74
CA ASP B 14 21.75 -2.02 14.08
C ASP B 14 20.37 -2.51 13.64
N PHE B 15 19.38 -1.64 13.78
CA PHE B 15 18.02 -1.95 13.39
C PHE B 15 17.98 -2.27 11.90
N LEU B 16 18.57 -1.39 11.11
CA LEU B 16 18.60 -1.55 9.66
C LEU B 16 19.29 -2.86 9.24
N GLU B 17 20.48 -3.10 9.78
CA GLU B 17 21.22 -4.30 9.45
C GLU B 17 20.48 -5.57 9.85
N LYS B 18 19.93 -5.60 11.06
CA LYS B 18 19.21 -6.77 11.54
C LYS B 18 17.93 -7.03 10.76
N GLU B 19 17.14 -5.98 10.53
CA GLU B 19 15.90 -6.10 9.80
C GLU B 19 16.09 -6.57 8.36
N VAL B 20 17.12 -6.03 7.70
CA VAL B 20 17.39 -6.42 6.32
C VAL B 20 17.96 -7.84 6.25
N GLN B 21 18.84 -8.17 7.18
CA GLN B 21 19.47 -9.50 7.20
C GLN B 21 18.49 -10.63 7.54
N LYS B 22 17.61 -10.38 8.51
CA LYS B 22 16.65 -11.39 8.92
C LYS B 22 15.70 -11.73 7.78
N ARG B 23 15.59 -10.82 6.81
CA ARG B 23 14.71 -11.01 5.67
C ARG B 23 15.44 -11.66 4.50
N GLY B 24 16.73 -11.92 4.69
CA GLY B 24 17.51 -12.57 3.65
C GLY B 24 18.02 -11.65 2.55
N PHE B 25 18.14 -10.36 2.86
CA PHE B 25 18.64 -9.39 1.89
C PHE B 25 19.97 -8.79 2.33
N LYS B 26 20.63 -8.12 1.40
CA LYS B 26 21.91 -7.49 1.68
C LYS B 26 22.00 -6.14 0.98
N LYS B 27 20.93 -5.76 0.30
CA LYS B 27 20.87 -4.51 -0.46
C LYS B 27 19.57 -3.77 -0.16
N VAL B 28 19.62 -2.44 -0.25
CA VAL B 28 18.45 -1.61 0.00
C VAL B 28 18.38 -0.47 -0.99
N VAL B 29 17.19 0.10 -1.13
CA VAL B 29 16.97 1.23 -2.03
C VAL B 29 16.01 2.18 -1.34
N TYR B 30 16.08 3.46 -1.67
CA TYR B 30 15.19 4.45 -1.07
C TYR B 30 15.11 5.68 -1.97
N GLY B 31 14.05 6.47 -1.82
CA GLY B 31 13.90 7.66 -2.62
C GLY B 31 14.64 8.84 -2.00
N LEU B 32 15.49 9.50 -2.77
CA LEU B 32 16.26 10.66 -2.30
C LEU B 32 15.70 11.92 -2.95
N SER B 33 15.00 12.71 -2.15
CA SER B 33 14.35 13.91 -2.64
C SER B 33 15.16 15.18 -2.53
N GLY B 34 16.16 15.18 -1.66
CA GLY B 34 16.94 16.38 -1.45
C GLY B 34 16.47 17.02 -0.16
N GLY B 35 15.47 16.41 0.46
CA GLY B 35 14.92 16.89 1.72
C GLY B 35 15.65 16.25 2.90
N LEU B 36 15.34 16.71 4.10
CA LEU B 36 15.98 16.22 5.32
C LEU B 36 15.74 14.76 5.67
N ASP B 37 14.48 14.34 5.67
CA ASP B 37 14.16 12.96 6.02
C ASP B 37 14.91 11.92 5.19
N SER B 38 14.83 12.01 3.87
CA SER B 38 15.53 11.05 3.03
C SER B 38 17.05 11.15 3.13
N ALA B 39 17.56 12.35 3.38
CA ALA B 39 19.00 12.55 3.52
C ALA B 39 19.47 11.78 4.76
N VAL B 40 18.67 11.84 5.83
CA VAL B 40 19.01 11.14 7.06
C VAL B 40 19.01 9.63 6.84
N VAL B 41 17.99 9.12 6.17
CA VAL B 41 17.90 7.69 5.92
C VAL B 41 19.05 7.23 5.01
N GLY B 42 19.36 8.04 4.01
CA GLY B 42 20.44 7.72 3.09
C GLY B 42 21.79 7.60 3.77
N VAL B 43 22.11 8.54 4.66
CA VAL B 43 23.39 8.51 5.35
C VAL B 43 23.49 7.30 6.27
N LEU B 44 22.39 6.98 6.95
CA LEU B 44 22.37 5.82 7.85
C LEU B 44 22.55 4.53 7.05
N CYS B 45 21.85 4.42 5.93
CA CYS B 45 21.97 3.22 5.10
C CYS B 45 23.38 3.06 4.52
N GLN B 46 24.03 4.19 4.23
CA GLN B 46 25.38 4.14 3.68
C GLN B 46 26.35 3.57 4.71
N LYS B 47 26.18 3.96 5.97
CA LYS B 47 27.06 3.46 7.02
C LYS B 47 26.90 1.97 7.24
N VAL B 48 25.69 1.45 7.01
CA VAL B 48 25.42 0.03 7.21
C VAL B 48 25.70 -0.84 6.00
N PHE B 49 25.20 -0.43 4.83
CA PHE B 49 25.36 -1.22 3.62
C PHE B 49 26.37 -0.70 2.61
N LYS B 50 26.89 0.51 2.87
CA LYS B 50 27.88 1.11 1.99
C LYS B 50 27.38 1.19 0.55
N GLU B 51 28.05 0.47 -0.34
CA GLU B 51 27.69 0.47 -1.75
C GLU B 51 26.43 -0.31 -2.06
N ASN B 52 25.97 -1.10 -1.10
CA ASN B 52 24.75 -1.90 -1.31
C ASN B 52 23.47 -1.11 -1.00
N ALA B 53 23.64 0.16 -0.65
CA ALA B 53 22.51 1.06 -0.37
C ALA B 53 22.44 2.02 -1.55
N HIS B 54 21.32 1.97 -2.28
CA HIS B 54 21.14 2.78 -3.47
C HIS B 54 20.09 3.87 -3.32
N ALA B 55 20.42 5.07 -3.81
CA ALA B 55 19.48 6.18 -3.74
C ALA B 55 18.83 6.36 -5.11
N LEU B 56 17.51 6.51 -5.12
CA LEU B 56 16.77 6.70 -6.36
C LEU B 56 16.17 8.09 -6.40
N LEU B 57 16.65 8.93 -7.33
CA LEU B 57 16.14 10.29 -7.48
C LEU B 57 15.06 10.28 -8.56
N MET B 58 13.87 10.73 -8.19
CA MET B 58 12.75 10.73 -9.13
C MET B 58 12.04 12.08 -9.23
N PRO B 59 12.65 13.03 -9.94
CA PRO B 59 12.03 14.34 -10.10
C PRO B 59 10.78 14.26 -10.98
N SER B 60 9.81 15.11 -10.68
CA SER B 60 8.56 15.17 -11.46
C SER B 60 8.63 16.40 -12.36
N SER B 61 7.51 16.73 -13.00
CA SER B 61 7.46 17.89 -13.87
C SER B 61 7.47 19.16 -13.04
N VAL B 62 7.11 19.05 -11.76
CA VAL B 62 7.05 20.20 -10.88
C VAL B 62 8.14 20.24 -9.82
N SER B 63 8.86 19.14 -9.66
CA SER B 63 9.93 19.07 -8.66
C SER B 63 10.94 20.22 -8.81
N MET B 64 11.32 20.82 -7.70
CA MET B 64 12.28 21.91 -7.76
C MET B 64 13.65 21.37 -8.14
N PRO B 65 14.29 22.00 -9.14
CA PRO B 65 15.62 21.57 -9.59
C PRO B 65 16.69 21.66 -8.49
N GLU B 66 16.57 22.65 -7.63
CA GLU B 66 17.52 22.82 -6.54
C GLU B 66 17.54 21.60 -5.62
N ASN B 67 16.39 20.96 -5.50
CA ASN B 67 16.27 19.78 -4.65
C ASN B 67 17.07 18.61 -5.20
N LYS B 68 17.01 18.42 -6.52
CA LYS B 68 17.75 17.33 -7.14
C LYS B 68 19.25 17.58 -6.99
N THR B 69 19.65 18.85 -7.13
CA THR B 69 21.06 19.21 -7.01
C THR B 69 21.56 18.92 -5.60
N ASP B 70 20.74 19.24 -4.60
CA ASP B 70 21.15 19.00 -3.22
C ASP B 70 21.23 17.51 -2.94
N ALA B 71 20.34 16.73 -3.56
CA ALA B 71 20.35 15.29 -3.38
C ALA B 71 21.61 14.71 -4.01
N LEU B 72 21.96 15.23 -5.20
CA LEU B 72 23.15 14.76 -5.90
C LEU B 72 24.41 15.09 -5.09
N ASN B 73 24.46 16.27 -4.48
CA ASN B 73 25.63 16.65 -3.69
C ASN B 73 25.75 15.78 -2.45
N LEU B 74 24.62 15.32 -1.92
CA LEU B 74 24.62 14.46 -0.75
C LEU B 74 25.30 13.15 -1.09
N CYS B 75 24.92 12.56 -2.23
CA CYS B 75 25.50 11.31 -2.67
C CYS B 75 27.00 11.41 -2.89
N GLU B 76 27.43 12.54 -3.43
CA GLU B 76 28.84 12.80 -3.69
C GLU B 76 29.63 12.91 -2.38
N LYS B 77 29.05 13.61 -1.41
CA LYS B 77 29.72 13.79 -0.13
C LYS B 77 29.80 12.51 0.68
N PHE B 78 28.81 11.63 0.53
CA PHE B 78 28.80 10.37 1.28
C PHE B 78 29.02 9.13 0.42
N SER B 79 29.49 9.31 -0.81
CA SER B 79 29.76 8.20 -1.71
C SER B 79 28.58 7.24 -1.84
N ILE B 80 27.40 7.79 -2.07
CA ILE B 80 26.19 7.00 -2.22
C ILE B 80 25.83 6.75 -3.68
N PRO B 81 25.84 5.47 -4.11
CA PRO B 81 25.49 5.18 -5.50
C PRO B 81 24.05 5.60 -5.74
N TYR B 82 23.78 6.19 -6.89
CA TYR B 82 22.43 6.66 -7.19
C TYR B 82 22.03 6.45 -8.65
N THR B 83 20.74 6.67 -8.90
CA THR B 83 20.18 6.57 -10.24
C THR B 83 19.09 7.63 -10.34
N GLU B 84 19.02 8.29 -11.48
CA GLU B 84 18.02 9.33 -11.69
C GLU B 84 16.97 8.89 -12.71
N TYR B 85 15.72 8.80 -12.26
CA TYR B 85 14.63 8.40 -13.13
C TYR B 85 13.49 9.40 -13.00
N SER B 86 13.27 10.20 -14.03
CA SER B 86 12.22 11.19 -14.02
C SER B 86 10.84 10.58 -14.23
N ILE B 87 9.88 11.01 -13.42
CA ILE B 87 8.53 10.50 -13.56
C ILE B 87 7.67 11.52 -14.30
N ALA B 88 8.32 12.56 -14.82
CA ALA B 88 7.62 13.62 -15.55
C ALA B 88 6.77 13.10 -16.71
N PRO B 89 7.30 12.14 -17.49
CA PRO B 89 6.49 11.64 -18.60
C PRO B 89 5.17 11.01 -18.17
N TYR B 90 5.14 10.49 -16.94
CA TYR B 90 3.92 9.87 -16.44
C TYR B 90 2.94 10.90 -15.88
N ASP B 91 3.45 11.84 -15.08
CA ASP B 91 2.55 12.84 -14.52
C ASP B 91 2.03 13.77 -15.61
N ALA B 92 2.76 13.84 -16.72
CA ALA B 92 2.35 14.68 -17.84
C ALA B 92 1.05 14.12 -18.43
N ILE B 93 0.94 12.79 -18.48
CA ILE B 93 -0.27 12.18 -19.00
C ILE B 93 -1.41 12.45 -18.03
N PHE B 94 -1.14 12.30 -16.74
CA PHE B 94 -2.15 12.54 -15.72
C PHE B 94 -2.69 13.97 -15.81
N SER B 95 -1.79 14.93 -15.99
CA SER B 95 -2.18 16.34 -16.09
C SER B 95 -3.04 16.58 -17.33
N SER B 96 -2.74 15.86 -18.39
CA SER B 96 -3.49 15.98 -19.62
C SER B 96 -4.89 15.41 -19.48
N HIS B 97 -4.99 14.27 -18.78
CA HIS B 97 -6.27 13.60 -18.57
C HIS B 97 -7.12 14.25 -17.49
N PHE B 98 -6.48 14.83 -16.49
CA PHE B 98 -7.18 15.48 -15.39
C PHE B 98 -6.57 16.86 -15.14
N LYS B 99 -6.84 17.79 -16.05
CA LYS B 99 -6.30 19.13 -15.95
C LYS B 99 -6.78 19.88 -14.72
N ASP B 100 -8.03 19.66 -14.33
CA ASP B 100 -8.60 20.33 -13.17
C ASP B 100 -8.47 19.55 -11.87
N ALA B 101 -7.63 18.52 -11.86
CA ALA B 101 -7.43 17.72 -10.66
C ALA B 101 -6.83 18.61 -9.58
N SER B 102 -7.22 18.39 -8.33
CA SER B 102 -6.72 19.17 -7.21
C SER B 102 -5.22 18.94 -7.02
N LEU B 103 -4.53 19.87 -6.36
CA LEU B 103 -3.10 19.74 -6.13
C LEU B 103 -2.81 18.47 -5.34
N THR B 104 -3.70 18.15 -4.40
CA THR B 104 -3.53 16.95 -3.58
C THR B 104 -3.62 15.69 -4.45
N ARG B 105 -4.61 15.64 -5.33
CA ARG B 105 -4.73 14.45 -6.19
C ARG B 105 -3.48 14.28 -7.05
N LYS B 106 -3.01 15.36 -7.66
CA LYS B 106 -1.84 15.29 -8.52
C LYS B 106 -0.61 14.85 -7.73
N GLY B 107 -0.45 15.40 -6.53
CA GLY B 107 0.67 15.04 -5.71
C GLY B 107 0.61 13.58 -5.27
N ASN B 108 -0.58 13.10 -4.95
CA ASN B 108 -0.74 11.72 -4.53
C ASN B 108 -0.35 10.77 -5.64
N PHE B 109 -0.69 11.14 -6.87
CA PHE B 109 -0.34 10.30 -8.01
C PHE B 109 1.19 10.22 -8.12
N CYS B 110 1.89 11.35 -7.99
CA CYS B 110 3.34 11.31 -8.08
C CYS B 110 3.97 10.48 -6.95
N ALA B 111 3.47 10.62 -5.73
CA ALA B 111 4.02 9.85 -4.61
C ALA B 111 3.83 8.37 -4.86
N ARG B 112 2.73 7.99 -5.50
CA ARG B 112 2.48 6.58 -5.78
C ARG B 112 3.32 6.07 -6.95
N LEU B 113 3.65 6.96 -7.88
CA LEU B 113 4.51 6.56 -9.00
C LEU B 113 5.88 6.26 -8.41
N ARG B 114 6.30 7.08 -7.45
CA ARG B 114 7.60 6.88 -6.82
C ARG B 114 7.65 5.56 -6.07
N MET B 115 6.57 5.20 -5.40
CA MET B 115 6.55 3.93 -4.70
C MET B 115 6.71 2.79 -5.71
N ALA B 116 5.99 2.90 -6.82
CA ALA B 116 6.03 1.87 -7.85
C ALA B 116 7.41 1.68 -8.47
N PHE B 117 8.14 2.76 -8.65
CA PHE B 117 9.48 2.65 -9.23
C PHE B 117 10.48 2.17 -8.20
N LEU B 118 10.29 2.57 -6.94
CA LEU B 118 11.18 2.10 -5.89
C LEU B 118 11.01 0.59 -5.74
N TYR B 119 9.77 0.12 -5.80
CA TYR B 119 9.53 -1.31 -5.68
C TYR B 119 9.97 -2.06 -6.92
N ASP B 120 9.84 -1.43 -8.09
CA ASP B 120 10.29 -2.06 -9.33
C ASP B 120 11.81 -2.22 -9.23
N TYR B 121 12.47 -1.16 -8.80
CA TYR B 121 13.92 -1.19 -8.67
C TYR B 121 14.34 -2.25 -7.66
N SER B 122 13.62 -2.33 -6.54
CA SER B 122 13.98 -3.31 -5.52
C SER B 122 13.88 -4.74 -6.03
N LEU B 123 12.86 -5.04 -6.83
CA LEU B 123 12.70 -6.41 -7.31
C LEU B 123 13.77 -6.79 -8.33
N LYS B 124 14.11 -5.87 -9.23
CA LYS B 124 15.12 -6.16 -10.25
C LYS B 124 16.54 -6.21 -9.71
N SER B 125 16.75 -5.65 -8.52
CA SER B 125 18.08 -5.61 -7.91
C SER B 125 18.20 -6.41 -6.63
N ASP B 126 17.14 -7.14 -6.28
CA ASP B 126 17.13 -7.94 -5.06
C ASP B 126 17.41 -7.05 -3.87
N SER B 127 16.59 -6.00 -3.72
CA SER B 127 16.76 -5.05 -2.63
C SER B 127 15.44 -4.81 -1.89
N LEU B 128 15.52 -4.12 -0.75
CA LEU B 128 14.35 -3.78 0.06
C LEU B 128 14.21 -2.27 0.06
N VAL B 129 12.97 -1.79 0.07
CA VAL B 129 12.67 -0.37 0.08
C VAL B 129 12.67 0.14 1.51
N ILE B 130 13.48 1.14 1.78
CA ILE B 130 13.57 1.74 3.11
C ILE B 130 12.77 3.01 3.13
N GLY B 131 11.85 3.11 4.09
CA GLY B 131 10.99 4.28 4.20
C GLY B 131 11.64 5.46 4.91
N THR B 132 11.02 6.62 4.80
CA THR B 132 11.57 7.84 5.40
C THR B 132 10.53 8.71 6.12
N SER B 133 9.35 8.17 6.37
CA SER B 133 8.30 8.93 7.04
C SER B 133 8.63 9.05 8.54
N ASN B 134 8.70 10.28 9.06
CA ASN B 134 9.01 10.44 10.47
C ASN B 134 7.74 10.34 11.32
N LYS B 135 7.91 10.33 12.64
CA LYS B 135 6.78 10.18 13.55
C LYS B 135 5.75 11.31 13.47
N SER B 136 6.20 12.54 13.22
CA SER B 136 5.26 13.66 13.11
C SER B 136 4.35 13.44 11.91
N GLU B 137 4.94 13.12 10.77
CA GLU B 137 4.17 12.86 9.55
C GLU B 137 3.25 11.65 9.76
N ARG B 138 3.75 10.60 10.41
CA ARG B 138 2.92 9.42 10.63
C ARG B 138 1.70 9.70 11.52
N MET B 139 1.90 10.36 12.65
CA MET B 139 0.76 10.65 13.52
C MET B 139 -0.27 11.56 12.84
N LEU B 140 0.22 12.49 12.03
CA LEU B 140 -0.67 13.44 11.35
C LEU B 140 -1.29 12.90 10.07
N GLY B 141 -0.76 11.80 9.56
CA GLY B 141 -1.29 11.28 8.32
C GLY B 141 -0.84 12.16 7.17
N TYR B 142 0.22 12.94 7.39
CA TYR B 142 0.73 13.84 6.34
C TYR B 142 1.66 13.03 5.45
N GLY B 143 1.05 12.35 4.49
CA GLY B 143 1.78 11.51 3.56
C GLY B 143 0.72 10.79 2.75
N THR B 144 1.13 10.25 1.60
CA THR B 144 0.21 9.53 0.71
C THR B 144 0.18 8.04 1.06
N LEU B 145 -1.00 7.51 1.36
CA LEU B 145 -1.13 6.08 1.68
C LEU B 145 -0.74 5.30 0.42
N PHE B 146 0.13 4.31 0.60
CA PHE B 146 0.62 3.47 -0.51
C PHE B 146 1.52 4.31 -1.42
N GLY B 147 1.95 5.46 -0.91
CA GLY B 147 2.83 6.33 -1.67
C GLY B 147 4.16 6.42 -0.95
N ASP B 148 4.45 7.57 -0.35
CA ASP B 148 5.70 7.70 0.38
C ASP B 148 5.63 6.89 1.69
N LEU B 149 4.42 6.56 2.13
CA LEU B 149 4.27 5.77 3.35
C LEU B 149 4.55 4.29 3.12
N ALA B 150 4.72 3.89 1.85
CA ALA B 150 4.96 2.50 1.49
C ALA B 150 6.44 2.11 1.55
N CYS B 151 6.74 1.05 2.31
CA CYS B 151 8.11 0.57 2.44
C CYS B 151 8.17 -0.76 3.18
N ALA B 152 9.37 -1.33 3.27
CA ALA B 152 9.57 -2.59 3.98
C ALA B 152 9.95 -2.33 5.44
N ILE B 153 10.90 -1.41 5.64
CA ILE B 153 11.37 -1.03 6.96
C ILE B 153 11.62 0.48 6.97
N ASN B 154 11.35 1.11 8.11
CA ASN B 154 11.52 2.54 8.26
C ASN B 154 12.22 2.81 9.58
N PRO B 155 13.48 3.25 9.53
CA PRO B 155 14.28 3.54 10.73
C PRO B 155 13.92 4.80 11.49
N ILE B 156 13.21 5.73 10.88
CA ILE B 156 12.90 6.98 11.58
C ILE B 156 11.41 7.20 11.88
N GLY B 157 10.62 6.15 11.73
CA GLY B 157 9.19 6.25 11.99
C GLY B 157 8.79 6.61 13.40
N GLU B 158 9.71 6.44 14.36
CA GLU B 158 9.42 6.77 15.75
C GLU B 158 10.20 8.00 16.24
N LEU B 159 10.70 8.80 15.30
CA LEU B 159 11.40 10.02 15.66
C LEU B 159 10.62 11.21 15.13
N PHE B 160 10.31 12.17 16.00
CA PHE B 160 9.58 13.34 15.56
C PHE B 160 10.48 14.15 14.64
N LYS B 161 9.88 14.96 13.78
CA LYS B 161 10.65 15.76 12.84
C LYS B 161 11.74 16.56 13.54
N THR B 162 11.40 17.17 14.67
CA THR B 162 12.36 17.96 15.43
C THR B 162 13.55 17.10 15.86
N GLU B 163 13.27 15.84 16.17
CA GLU B 163 14.34 14.94 16.59
C GLU B 163 15.14 14.48 15.37
N VAL B 164 14.49 14.38 14.21
CA VAL B 164 15.19 13.98 13.00
C VAL B 164 16.20 15.06 12.64
N TYR B 165 15.83 16.32 12.87
CA TYR B 165 16.71 17.45 12.58
C TYR B 165 17.95 17.38 13.47
N GLU B 166 17.73 17.12 14.76
CA GLU B 166 18.84 17.02 15.71
C GLU B 166 19.78 15.89 15.35
N LEU B 167 19.22 14.77 14.90
CA LEU B 167 20.02 13.63 14.50
C LEU B 167 20.81 14.01 13.25
N ALA B 168 20.16 14.74 12.34
CA ALA B 168 20.81 15.16 11.10
C ALA B 168 22.05 15.99 11.37
N ARG B 169 22.02 16.78 12.44
CA ARG B 169 23.16 17.61 12.78
C ARG B 169 24.37 16.73 13.09
N ARG B 170 24.15 15.67 13.87
CA ARG B 170 25.23 14.76 14.24
C ARG B 170 25.72 13.95 13.05
N LEU B 171 24.87 13.75 12.06
CA LEU B 171 25.22 12.99 10.87
C LEU B 171 25.95 13.84 9.85
N ASN B 172 26.15 15.12 10.18
CA ASN B 172 26.84 16.05 9.30
C ASN B 172 26.14 16.25 7.96
N ILE B 173 24.81 16.35 7.98
CA ILE B 173 24.07 16.56 6.74
C ILE B 173 24.30 17.99 6.28
N PRO B 174 24.56 18.20 4.99
CA PRO B 174 24.79 19.53 4.41
C PRO B 174 23.82 20.59 4.94
N LYS B 175 24.34 21.77 5.26
CA LYS B 175 23.54 22.87 5.77
C LYS B 175 22.36 23.16 4.86
N LYS B 176 22.59 23.08 3.56
CA LYS B 176 21.57 23.32 2.56
C LYS B 176 20.33 22.47 2.84
N ILE B 177 20.54 21.26 3.31
CA ILE B 177 19.44 20.33 3.60
C ILE B 177 18.87 20.55 4.99
N LEU B 178 19.77 20.75 5.96
CA LEU B 178 19.38 20.96 7.34
C LEU B 178 18.44 22.14 7.56
N ASN B 179 18.73 23.26 6.91
CA ASN B 179 17.92 24.46 7.07
C ASN B 179 16.81 24.60 6.04
N LYS B 180 16.73 23.64 5.13
CA LYS B 180 15.69 23.67 4.10
C LYS B 180 14.31 23.45 4.72
N PRO B 181 13.33 24.33 4.39
CA PRO B 181 12.00 24.17 4.95
C PRO B 181 11.33 22.89 4.45
N PRO B 182 10.71 22.13 5.36
CA PRO B 182 10.04 20.89 4.98
C PRO B 182 9.01 21.10 3.88
N SER B 183 9.01 20.23 2.87
CA SER B 183 8.07 20.35 1.76
C SER B 183 7.93 19.05 0.99
N ALA B 184 6.70 18.64 0.73
CA ALA B 184 6.45 17.42 -0.03
C ALA B 184 7.01 17.63 -1.44
N ASP B 185 7.06 18.90 -1.85
CA ASP B 185 7.55 19.28 -3.17
C ASP B 185 6.76 18.56 -4.26
N LEU B 186 5.44 18.49 -4.07
CA LEU B 186 4.55 17.85 -5.02
C LEU B 186 3.92 18.90 -5.93
N PHE B 187 4.18 20.17 -5.62
CA PHE B 187 3.70 21.30 -6.42
C PHE B 187 4.47 22.56 -6.06
N VAL B 188 4.61 23.46 -7.03
CA VAL B 188 5.35 24.71 -6.84
C VAL B 188 4.89 25.51 -5.63
N GLY B 189 5.82 25.76 -4.71
CA GLY B 189 5.51 26.54 -3.53
C GLY B 189 5.01 25.80 -2.30
N GLN B 190 4.86 24.49 -2.41
CA GLN B 190 4.38 23.71 -1.26
C GLN B 190 5.34 23.73 -0.09
N SER B 191 4.78 23.66 1.12
CA SER B 191 5.59 23.60 2.34
C SER B 191 4.72 22.97 3.41
N ASP B 192 5.35 22.23 4.32
CA ASP B 192 4.64 21.56 5.39
C ASP B 192 3.90 22.57 6.26
N GLU B 193 4.55 23.70 6.53
CA GLU B 193 3.98 24.75 7.38
C GLU B 193 2.71 25.36 6.80
N LYS B 194 2.70 25.57 5.48
CA LYS B 194 1.53 26.15 4.83
C LYS B 194 0.39 25.16 4.77
N ASP B 195 0.71 23.89 4.53
CA ASP B 195 -0.32 22.87 4.44
C ASP B 195 -0.89 22.53 5.81
N LEU B 196 -0.02 22.38 6.80
CA LEU B 196 -0.42 22.03 8.15
C LEU B 196 -0.88 23.22 9.00
N GLY B 197 -0.36 24.41 8.67
CA GLY B 197 -0.73 25.61 9.39
C GLY B 197 0.27 26.00 10.47
N TYR B 198 1.16 25.07 10.80
CA TYR B 198 2.15 25.32 11.84
C TYR B 198 3.46 24.62 11.55
N PRO B 199 4.57 25.13 12.10
CA PRO B 199 5.89 24.54 11.89
C PRO B 199 6.02 23.40 12.90
N TYR B 200 7.00 22.52 12.70
CA TYR B 200 7.18 21.40 13.61
C TYR B 200 7.61 21.81 15.01
N SER B 201 8.12 23.03 15.13
CA SER B 201 8.56 23.53 16.43
C SER B 201 7.35 23.72 17.35
N VAL B 202 6.18 23.91 16.75
CA VAL B 202 4.93 24.09 17.48
C VAL B 202 4.15 22.77 17.54
N ILE B 203 4.21 22.00 16.45
CA ILE B 203 3.49 20.74 16.38
C ILE B 203 4.05 19.63 17.26
N ASP B 204 5.36 19.40 17.16
CA ASP B 204 5.98 18.31 17.90
C ASP B 204 5.74 18.32 19.41
N PRO B 205 5.84 19.49 20.05
CA PRO B 205 5.61 19.46 21.49
C PRO B 205 4.21 18.91 21.83
N LEU B 206 3.22 19.28 21.02
CA LEU B 206 1.87 18.81 21.24
C LEU B 206 1.74 17.31 20.97
N LEU B 207 2.40 16.83 19.93
CA LEU B 207 2.33 15.41 19.60
C LEU B 207 2.95 14.58 20.72
N LYS B 208 4.03 15.07 21.31
CA LYS B 208 4.68 14.35 22.39
C LYS B 208 3.76 14.22 23.60
N ASP B 209 2.98 15.26 23.88
CA ASP B 209 2.05 15.19 25.02
C ASP B 209 0.91 14.23 24.70
N ILE B 210 0.44 14.26 23.46
CA ILE B 210 -0.64 13.37 23.05
C ILE B 210 -0.17 11.92 23.19
N GLU B 211 1.10 11.67 22.87
CA GLU B 211 1.67 10.34 22.98
C GLU B 211 1.73 9.88 24.44
N ALA B 212 2.02 10.82 25.34
CA ALA B 212 2.13 10.50 26.75
C ALA B 212 0.78 10.43 27.46
N LEU B 213 -0.15 11.28 27.07
CA LEU B 213 -1.46 11.33 27.70
C LEU B 213 -2.49 10.36 27.15
N PHE B 214 -2.47 10.18 25.83
CA PHE B 214 -3.46 9.30 25.19
C PHE B 214 -2.81 8.19 24.39
N GLN B 215 -3.13 6.96 24.75
CA GLN B 215 -2.60 5.79 24.07
C GLN B 215 -3.51 4.61 24.37
N THR B 216 -4.27 4.73 25.45
CA THR B 216 -5.20 3.69 25.87
C THR B 216 -6.60 4.26 25.78
N LYS B 217 -6.68 5.58 25.61
CA LYS B 217 -7.96 6.27 25.50
C LYS B 217 -7.88 7.36 24.44
N PRO B 218 -9.02 7.79 23.90
CA PRO B 218 -9.05 8.84 22.87
C PRO B 218 -8.56 10.20 23.38
N ILE B 219 -8.13 11.03 22.45
CA ILE B 219 -7.63 12.37 22.78
C ILE B 219 -8.72 13.21 23.46
N ASP B 220 -8.34 13.91 24.51
CA ASP B 220 -9.26 14.76 25.26
C ASP B 220 -8.81 16.20 25.06
N THR B 221 -9.56 16.94 24.25
CA THR B 221 -9.23 18.32 23.96
C THR B 221 -9.30 19.23 25.17
N GLU B 222 -10.07 18.84 26.18
CA GLU B 222 -10.19 19.65 27.39
C GLU B 222 -8.90 19.56 28.19
N THR B 223 -8.31 18.36 28.24
CA THR B 223 -7.06 18.14 28.94
C THR B 223 -5.95 18.94 28.28
N LEU B 224 -5.94 18.94 26.94
CA LEU B 224 -4.92 19.68 26.22
C LEU B 224 -5.12 21.19 26.41
N ALA B 225 -6.38 21.59 26.57
CA ALA B 225 -6.70 23.00 26.79
C ALA B 225 -6.18 23.41 28.16
N GLN B 226 -6.28 22.51 29.13
CA GLN B 226 -5.81 22.82 30.49
C GLN B 226 -4.30 22.98 30.53
N LEU B 227 -3.61 22.35 29.58
CA LEU B 227 -2.16 22.45 29.52
C LEU B 227 -1.70 23.80 29.00
N GLY B 228 -2.57 24.48 28.27
CA GLY B 228 -2.20 25.79 27.75
C GLY B 228 -2.13 25.87 26.25
N TYR B 229 -2.34 24.76 25.55
CA TYR B 229 -2.29 24.77 24.10
C TYR B 229 -3.44 25.58 23.50
N ASP B 230 -3.16 26.23 22.38
CA ASP B 230 -4.15 27.04 21.69
C ASP B 230 -5.26 26.17 21.13
N GLU B 231 -6.49 26.65 21.27
CA GLU B 231 -7.68 25.94 20.82
C GLU B 231 -7.64 25.51 19.35
N ILE B 232 -7.16 26.38 18.46
CA ILE B 232 -7.12 26.04 17.04
C ILE B 232 -6.08 24.96 16.76
N LEU B 233 -4.92 25.09 17.39
CA LEU B 233 -3.86 24.11 17.21
C LEU B 233 -4.36 22.74 17.64
N VAL B 234 -4.98 22.67 18.82
CA VAL B 234 -5.50 21.41 19.32
C VAL B 234 -6.55 20.81 18.36
N LYS B 235 -7.49 21.63 17.91
CA LYS B 235 -8.52 21.15 16.99
C LYS B 235 -7.90 20.63 15.70
N ASN B 236 -6.98 21.40 15.14
CA ASN B 236 -6.31 21.05 13.89
C ASN B 236 -5.56 19.72 14.00
N ILE B 237 -4.65 19.63 14.95
CA ILE B 237 -3.84 18.44 15.15
C ILE B 237 -4.63 17.21 15.57
N THR B 238 -5.57 17.38 16.49
CA THR B 238 -6.39 16.26 16.93
C THR B 238 -7.19 15.68 15.76
N SER B 239 -7.68 16.56 14.89
CA SER B 239 -8.45 16.11 13.74
C SER B 239 -7.60 15.30 12.77
N ARG B 240 -6.42 15.81 12.47
CA ARG B 240 -5.51 15.13 11.55
C ARG B 240 -5.19 13.73 12.07
N ILE B 241 -4.91 13.63 13.36
CA ILE B 241 -4.58 12.33 13.93
C ILE B 241 -5.73 11.33 13.86
N GLN B 242 -6.92 11.74 14.29
CA GLN B 242 -8.06 10.83 14.28
C GLN B 242 -8.55 10.49 12.89
N LYS B 243 -8.53 11.48 12.01
CA LYS B 243 -8.98 11.29 10.65
C LYS B 243 -8.06 10.39 9.82
N ASN B 244 -6.76 10.44 10.11
CA ASN B 244 -5.81 9.65 9.33
C ASN B 244 -5.18 8.46 10.01
N ALA B 245 -5.74 8.04 11.14
CA ALA B 245 -5.19 6.91 11.86
C ALA B 245 -5.22 5.67 10.99
N PHE B 246 -6.19 5.58 10.10
CA PHE B 246 -6.31 4.43 9.21
C PHE B 246 -5.05 4.17 8.39
N LYS B 247 -4.25 5.21 8.11
CA LYS B 247 -3.04 5.04 7.30
C LYS B 247 -1.97 4.19 7.98
N LEU B 248 -2.08 4.05 9.29
CA LEU B 248 -1.10 3.27 10.03
C LEU B 248 -1.58 1.86 10.33
N GLU B 249 -2.70 1.49 9.74
CA GLU B 249 -3.28 0.18 9.96
C GLU B 249 -3.48 -0.60 8.66
N LEU B 250 -3.68 -1.90 8.79
CA LEU B 250 -3.92 -2.73 7.61
C LEU B 250 -5.39 -2.53 7.23
N PRO B 251 -5.79 -3.03 6.04
CA PRO B 251 -7.19 -2.86 5.65
C PRO B 251 -8.13 -3.69 6.51
N ALA B 252 -9.40 -3.29 6.56
CA ALA B 252 -10.41 -4.02 7.33
C ALA B 252 -10.88 -5.19 6.48
N ILE B 253 -10.65 -6.41 6.98
CA ILE B 253 -11.01 -7.63 6.26
C ILE B 253 -12.15 -8.34 7.01
N ALA B 254 -13.20 -8.75 6.31
CA ALA B 254 -14.30 -9.42 6.99
C ALA B 254 -13.84 -10.78 7.51
N LYS B 255 -14.05 -11.01 8.80
CA LYS B 255 -13.65 -12.27 9.41
C LYS B 255 -14.52 -13.40 8.90
N ARG B 256 -14.04 -14.63 9.11
CA ARG B 256 -14.78 -15.81 8.71
C ARG B 256 -16.15 -15.73 9.36
N PHE B 257 -17.16 -16.15 8.63
CA PHE B 257 -18.53 -16.13 9.15
C PHE B 257 -18.78 -17.35 10.02
N ASN B 258 -19.20 -17.11 11.25
CA ASN B 258 -19.51 -18.18 12.19
C ASN B 258 -20.99 -18.03 12.54
N PRO B 259 -21.85 -18.83 11.88
CA PRO B 259 -23.29 -18.77 12.12
C PRO B 259 -23.71 -19.18 13.53
N GLU B 260 -24.76 -18.51 14.03
CA GLU B 260 -25.30 -18.81 15.34
C GLU B 260 -26.29 -19.94 15.11
N LEU B 261 -25.91 -21.14 15.55
CA LEU B 261 -26.75 -22.31 15.37
C LEU B 261 -28.03 -22.27 16.20
N GLU B 262 -29.02 -23.06 15.81
CA GLU B 262 -30.31 -23.07 16.49
C GLU B 262 -30.24 -23.36 17.98
N HIS B 263 -29.34 -24.24 18.39
CA HIS B 263 -29.23 -24.60 19.80
C HIS B 263 -28.30 -23.69 20.59
N HIS B 264 -27.71 -22.70 19.94
CA HIS B 264 -26.81 -21.77 20.63
C HIS B 264 -27.60 -20.86 21.55
#